data_1Z89
#
_entry.id   1Z89
#
_cell.length_a   49.4
_cell.length_b   66.9
_cell.length_c   47.4
_cell.angle_alpha   90.0
_cell.angle_beta   92.1
_cell.angle_gamma   90.00
#
_symmetry.space_group_name_H-M   'P 1 21 1'
#
loop_
_entity.id
_entity.type
_entity.pdbx_description
1 polymer 'aldose reductase'
2 non-polymer 'NADP NICOTINAMIDE-ADENINE-DINUCLEOTIDE PHOSPHATE'
3 non-polymer 6-[(5-CHLORO-3-METHYL-1-BENZOFURAN-2-YL)SULFONYL]PYRIDAZIN-3(2H)-ONE
4 water water
#
_entity_poly.entity_id   1
_entity_poly.type   'polypeptide(L)'
_entity_poly.pdbx_seq_one_letter_code
;MASRILLNNGAKMPILGLGTWKSPPGQVTEAVKVAIDVGYRHIDCAHVYQNENEVGVAIQEKLREQVVKREELFIVSKLW
CTYHEKGLVKGACQKTLSDLKLDYLDLYLIHWPTGFKPGKEFFPLDESGNVVPSDTNILDTWAAMEELVDEGLVKAIGIS
NFNHLQVEMILNKPGLKYKPAVNQIECHPYLTQEKLIQYCQSKGIVVTAYSPLGSPDRPWAKPEDPSLLEDPRIKAIAAK
HNKTTAQVLIRFPMQRNLVVIPKSVTPERIAENFKVFDFELSSQDMTTLLSYNRNWRVCALLSCTSHKDYPFHEEF
;
_entity_poly.pdbx_strand_id   A
#
loop_
_chem_comp.id
_chem_comp.type
_chem_comp.name
_chem_comp.formula
62P non-polymer 6-[(5-CHLORO-3-METHYL-1-BENZOFURAN-2-YL)SULFONYL]PYRIDAZIN-3(2H)-ONE 'C13 H9 Cl N2 O4 S'
NAP non-polymer 'NADP NICOTINAMIDE-ADENINE-DINUCLEOTIDE PHOSPHATE' 'C21 H28 N7 O17 P3'
#
# COMPACT_ATOMS: atom_id res chain seq x y z
N MET A 1 20.65 -7.74 0.15
CA MET A 1 19.50 -8.45 -0.40
C MET A 1 19.01 -7.80 -1.70
N ALA A 2 18.39 -8.61 -2.56
CA ALA A 2 17.89 -8.09 -3.83
C ALA A 2 16.92 -6.94 -3.63
N SER A 3 16.87 -6.05 -4.62
CA SER A 3 16.01 -4.91 -4.43
C SER A 3 14.61 -5.09 -5.01
N ARG A 4 14.34 -6.08 -5.80
CA ARG A 4 12.98 -6.28 -6.34
C ARG A 4 12.51 -7.70 -6.09
N ILE A 5 11.20 -7.89 -6.05
CA ILE A 5 10.58 -9.22 -5.89
C ILE A 5 9.81 -9.54 -7.15
N LEU A 6 9.83 -10.80 -7.59
CA LEU A 6 9.05 -11.18 -8.77
C LEU A 6 7.60 -11.43 -8.41
N LEU A 7 6.71 -10.83 -9.18
CA LEU A 7 5.28 -10.90 -9.13
C LEU A 7 4.75 -11.99 -10.04
N ASN A 8 3.52 -12.42 -9.77
CA ASN A 8 2.95 -13.50 -10.60
C ASN A 8 2.53 -13.02 -11.98
N ASN A 9 2.77 -11.77 -12.35
CA ASN A 9 2.53 -11.34 -13.71
C ASN A 9 3.85 -11.33 -14.48
N GLY A 10 4.95 -11.81 -13.88
CA GLY A 10 6.21 -11.85 -14.56
C GLY A 10 7.04 -10.59 -14.43
N ALA A 11 6.53 -9.55 -13.77
CA ALA A 11 7.26 -8.32 -13.59
C ALA A 11 7.90 -8.26 -12.19
N LYS A 12 8.90 -7.41 -12.07
CA LYS A 12 9.63 -7.19 -10.83
C LYS A 12 9.21 -5.88 -10.16
N MET A 13 9.01 -5.96 -8.84
CA MET A 13 8.56 -4.87 -7.97
C MET A 13 9.60 -4.47 -6.94
N PRO A 14 10.00 -3.20 -6.90
CA PRO A 14 10.92 -2.74 -5.85
C PRO A 14 10.33 -3.03 -4.48
N ILE A 15 11.12 -3.67 -3.62
CA ILE A 15 10.63 -3.98 -2.28
C ILE A 15 10.57 -2.76 -1.37
N LEU A 16 11.17 -1.63 -1.70
CA LEU A 16 10.99 -0.39 -0.97
C LEU A 16 10.34 0.64 -1.87
N GLY A 17 9.27 1.26 -1.36
CA GLY A 17 8.60 2.33 -2.07
C GLY A 17 8.33 3.52 -1.14
N LEU A 18 7.99 4.65 -1.74
CA LEU A 18 7.64 5.84 -0.96
C LEU A 18 6.13 5.93 -0.83
N GLY A 19 5.61 6.01 0.39
CA GLY A 19 4.19 6.25 0.61
C GLY A 19 3.86 7.73 0.44
N THR A 20 2.61 8.01 0.11
CA THR A 20 2.15 9.37 -0.12
C THR A 20 0.83 9.70 0.56
N TRP A 21 0.25 8.87 1.41
CA TRP A 21 -0.93 9.23 2.18
C TRP A 21 -0.54 10.31 3.19
N LYS A 22 -1.25 11.46 3.15
CA LYS A 22 -1.10 12.58 4.08
C LYS A 22 0.04 13.47 3.65
N SER A 23 0.68 13.20 2.52
CA SER A 23 1.77 14.07 2.08
C SER A 23 1.19 15.35 1.50
N PRO A 24 1.46 16.50 2.10
CA PRO A 24 0.73 17.69 1.61
C PRO A 24 1.02 17.95 0.13
N PRO A 25 0.02 18.43 -0.58
CA PRO A 25 0.21 18.63 -2.01
C PRO A 25 1.34 19.63 -2.30
N GLY A 26 1.58 20.56 -1.40
CA GLY A 26 2.62 21.57 -1.59
C GLY A 26 3.97 21.05 -1.20
N GLN A 27 4.11 19.85 -0.66
CA GLN A 27 5.36 19.25 -0.27
C GLN A 27 5.67 17.94 -1.01
N VAL A 28 4.67 17.26 -1.55
CA VAL A 28 4.88 15.94 -2.11
C VAL A 28 5.63 15.96 -3.43
N THR A 29 5.54 17.05 -4.22
CA THR A 29 6.36 17.06 -5.44
C THR A 29 7.84 17.04 -5.15
N GLU A 30 8.30 17.92 -4.23
CA GLU A 30 9.71 17.83 -3.86
C GLU A 30 10.03 16.52 -3.18
N ALA A 31 9.14 15.94 -2.39
CA ALA A 31 9.41 14.70 -1.68
C ALA A 31 9.68 13.59 -2.67
N VAL A 32 8.86 13.48 -3.72
CA VAL A 32 9.03 12.44 -4.72
C VAL A 32 10.27 12.70 -5.59
N LYS A 33 10.54 13.96 -5.96
CA LYS A 33 11.81 14.22 -6.66
C LYS A 33 13.02 13.81 -5.85
N VAL A 34 13.07 14.13 -4.55
CA VAL A 34 14.14 13.74 -3.65
C VAL A 34 14.24 12.22 -3.60
N ALA A 35 13.08 11.61 -3.40
CA ALA A 35 13.07 10.15 -3.31
C ALA A 35 13.71 9.53 -4.57
N ILE A 36 13.30 9.99 -5.74
CA ILE A 36 13.89 9.45 -6.98
C ILE A 36 15.38 9.74 -7.06
N ASP A 37 15.77 10.94 -6.69
CA ASP A 37 17.20 11.24 -6.70
C ASP A 37 18.02 10.36 -5.77
N VAL A 38 17.47 9.87 -4.66
CA VAL A 38 18.29 9.09 -3.75
C VAL A 38 18.09 7.58 -3.92
N GLY A 39 17.34 7.13 -4.93
CA GLY A 39 17.27 5.75 -5.32
C GLY A 39 15.89 5.13 -5.34
N TYR A 40 14.85 5.81 -4.85
CA TYR A 40 13.56 5.14 -4.89
C TYR A 40 13.07 4.99 -6.31
N ARG A 41 12.47 3.81 -6.55
CA ARG A 41 11.90 3.57 -7.87
C ARG A 41 10.47 3.11 -7.84
N HIS A 42 9.88 3.15 -6.65
CA HIS A 42 8.49 2.73 -6.47
C HIS A 42 7.80 3.83 -5.64
N ILE A 43 6.66 4.30 -6.13
CA ILE A 43 5.83 5.27 -5.45
C ILE A 43 4.43 4.69 -5.29
N ASP A 44 3.91 4.75 -4.07
CA ASP A 44 2.58 4.29 -3.74
C ASP A 44 1.60 5.44 -3.62
N CYS A 45 0.55 5.45 -4.44
CA CYS A 45 -0.35 6.55 -4.64
C CYS A 45 -1.78 6.05 -4.46
N ALA A 46 -2.69 7.01 -4.37
CA ALA A 46 -4.11 6.72 -4.47
C ALA A 46 -4.89 7.98 -4.80
N HIS A 47 -5.94 7.84 -5.59
CA HIS A 47 -6.85 8.94 -5.90
C HIS A 47 -7.39 9.65 -4.67
N VAL A 48 -7.72 8.86 -3.66
CA VAL A 48 -8.38 9.36 -2.45
C VAL A 48 -7.39 10.16 -1.63
N TYR A 49 -6.07 10.11 -1.87
CA TYR A 49 -5.11 10.93 -1.14
C TYR A 49 -5.11 12.37 -1.64
N GLN A 50 -5.69 12.62 -2.79
CA GLN A 50 -5.96 13.95 -3.30
C GLN A 50 -4.74 14.73 -3.70
N ASN A 51 -3.66 14.02 -3.97
CA ASN A 51 -2.36 14.58 -4.33
C ASN A 51 -1.70 13.90 -5.54
N GLU A 52 -2.44 13.14 -6.33
CA GLU A 52 -1.78 12.47 -7.46
C GLU A 52 -1.29 13.47 -8.46
N ASN A 53 -1.97 14.59 -8.69
CA ASN A 53 -1.44 15.55 -9.69
C ASN A 53 -0.03 15.99 -9.33
N GLU A 54 0.15 16.28 -8.04
CA GLU A 54 1.47 16.80 -7.63
C GLU A 54 2.52 15.70 -7.58
N VAL A 55 2.13 14.47 -7.25
CA VAL A 55 3.06 13.36 -7.38
C VAL A 55 3.49 13.25 -8.82
N GLY A 56 2.49 13.35 -9.72
CA GLY A 56 2.84 13.18 -11.13
C GLY A 56 3.77 14.27 -11.63
N VAL A 57 3.64 15.50 -11.13
CA VAL A 57 4.59 16.55 -11.55
C VAL A 57 6.01 16.12 -11.28
N ALA A 58 6.26 15.46 -10.14
CA ALA A 58 7.62 15.03 -9.81
C ALA A 58 8.07 13.90 -10.72
N ILE A 59 7.20 12.92 -10.96
CA ILE A 59 7.54 11.81 -11.82
C ILE A 59 7.89 12.32 -13.22
N GLN A 60 7.05 13.21 -13.72
CA GLN A 60 7.26 13.75 -15.07
C GLN A 60 8.55 14.54 -15.17
N GLU A 61 8.87 15.33 -14.15
CA GLU A 61 10.12 16.10 -14.18
C GLU A 61 11.30 15.16 -14.19
N LYS A 62 11.29 14.08 -13.42
CA LYS A 62 12.45 13.20 -13.37
C LYS A 62 12.55 12.34 -14.61
N LEU A 63 11.45 11.98 -15.26
CA LEU A 63 11.54 11.36 -16.58
C LEU A 63 12.09 12.36 -17.60
N ARG A 64 11.60 13.60 -17.58
CA ARG A 64 12.07 14.61 -18.52
C ARG A 64 13.54 14.93 -18.34
N GLU A 65 14.01 14.95 -17.10
CA GLU A 65 15.43 15.22 -16.82
C GLU A 65 16.27 13.98 -17.09
N GLN A 66 15.65 12.85 -17.39
CA GLN A 66 16.38 11.63 -17.68
C GLN A 66 17.17 11.12 -16.49
N VAL A 67 16.62 11.36 -15.28
CA VAL A 67 17.16 10.79 -14.05
C VAL A 67 16.85 9.30 -13.95
N VAL A 68 15.68 8.96 -14.49
CA VAL A 68 15.19 7.59 -14.59
C VAL A 68 14.38 7.41 -15.87
N LYS A 69 14.29 6.17 -16.30
CA LYS A 69 13.45 5.76 -17.42
C LYS A 69 12.11 5.24 -16.90
N ARG A 70 11.07 5.38 -17.69
CA ARG A 70 9.76 4.92 -17.18
C ARG A 70 9.78 3.45 -16.83
N GLU A 71 10.55 2.65 -17.56
CA GLU A 71 10.60 1.21 -17.32
C GLU A 71 11.26 0.92 -15.98
N GLU A 72 12.02 1.88 -15.47
CA GLU A 72 12.68 1.67 -14.19
C GLU A 72 11.80 2.05 -13.01
N LEU A 73 10.68 2.73 -13.24
CA LEU A 73 9.74 3.07 -12.16
C LEU A 73 8.63 2.05 -12.10
N PHE A 74 8.15 1.95 -10.84
CA PHE A 74 7.08 1.07 -10.41
C PHE A 74 6.05 1.93 -9.70
N ILE A 75 5.03 2.38 -10.45
CA ILE A 75 4.04 3.28 -9.88
C ILE A 75 2.75 2.57 -9.60
N VAL A 76 2.25 2.73 -8.38
CA VAL A 76 1.09 2.03 -7.89
C VAL A 76 -0.03 3.01 -7.53
N SER A 77 -1.24 2.72 -7.93
CA SER A 77 -2.37 3.51 -7.40
C SER A 77 -3.50 2.57 -7.08
N LYS A 78 -4.64 3.12 -6.62
CA LYS A 78 -5.70 2.32 -6.03
C LYS A 78 -7.07 2.93 -6.41
N LEU A 79 -7.99 2.01 -6.70
CA LEU A 79 -9.38 2.25 -7.01
C LEU A 79 -10.16 2.52 -5.73
N TRP A 80 -10.70 3.72 -5.60
CA TRP A 80 -11.41 4.13 -4.37
C TRP A 80 -12.78 3.44 -4.35
N CYS A 81 -13.39 3.30 -3.19
CA CYS A 81 -14.56 2.56 -2.88
C CYS A 81 -15.80 3.09 -3.61
N THR A 82 -15.85 4.35 -4.01
CA THR A 82 -17.02 4.88 -4.71
C THR A 82 -16.98 4.63 -6.20
N TYR A 83 -15.98 3.89 -6.64
CA TYR A 83 -15.83 3.52 -8.05
C TYR A 83 -15.83 2.02 -8.27
N HIS A 84 -16.40 1.19 -7.39
CA HIS A 84 -16.45 -0.24 -7.62
C HIS A 84 -17.43 -0.68 -8.72
N GLU A 85 -18.37 0.13 -9.12
CA GLU A 85 -19.28 -0.23 -10.22
C GLU A 85 -18.50 -0.46 -11.52
N LYS A 86 -18.81 -1.53 -12.25
CA LYS A 86 -18.21 -1.87 -13.53
C LYS A 86 -17.90 -0.69 -14.44
N GLY A 87 -18.94 0.15 -14.56
CA GLY A 87 -18.92 1.23 -15.51
C GLY A 87 -18.06 2.41 -15.12
N LEU A 88 -17.59 2.40 -13.86
CA LEU A 88 -16.80 3.50 -13.34
C LEU A 88 -15.31 3.15 -13.20
N VAL A 89 -14.94 1.89 -13.25
CA VAL A 89 -13.55 1.50 -12.98
C VAL A 89 -12.61 2.05 -14.02
N LYS A 90 -12.95 1.96 -15.31
CA LYS A 90 -11.97 2.49 -16.30
C LYS A 90 -11.72 3.97 -16.11
N GLY A 91 -12.79 4.73 -15.87
CA GLY A 91 -12.62 6.17 -15.79
C GLY A 91 -11.81 6.59 -14.58
N ALA A 92 -12.00 5.83 -13.51
CA ALA A 92 -11.27 6.13 -12.27
C ALA A 92 -9.78 5.90 -12.53
N CYS A 93 -9.46 4.82 -13.25
CA CYS A 93 -8.05 4.54 -13.56
C CYS A 93 -7.47 5.62 -14.44
N GLN A 94 -8.29 5.98 -15.43
CA GLN A 94 -7.86 6.99 -16.38
C GLN A 94 -7.62 8.33 -15.72
N LYS A 95 -8.40 8.65 -14.71
CA LYS A 95 -8.24 9.92 -14.00
C LYS A 95 -6.91 9.88 -13.24
N THR A 96 -6.61 8.75 -12.63
CA THR A 96 -5.35 8.60 -11.90
C THR A 96 -4.20 8.70 -12.88
N LEU A 97 -4.35 8.08 -14.06
CA LEU A 97 -3.27 8.14 -15.06
C LEU A 97 -3.03 9.55 -15.56
N SER A 98 -4.12 10.26 -15.77
CA SER A 98 -4.00 11.65 -16.22
C SER A 98 -3.31 12.50 -15.17
N ASP A 99 -3.71 12.31 -13.90
CA ASP A 99 -3.11 13.13 -12.85
C ASP A 99 -1.62 12.81 -12.67
N LEU A 100 -1.28 11.53 -12.76
CA LEU A 100 0.08 11.07 -12.55
C LEU A 100 0.93 11.30 -13.81
N LYS A 101 0.27 11.66 -14.90
CA LYS A 101 0.89 11.88 -16.22
C LYS A 101 1.62 10.70 -16.77
N LEU A 102 0.94 9.56 -16.68
CA LEU A 102 1.44 8.27 -17.11
C LEU A 102 0.52 7.68 -18.16
N ASP A 103 1.05 6.76 -18.94
CA ASP A 103 0.16 6.03 -19.87
C ASP A 103 -0.14 4.61 -19.41
N TYR A 104 0.56 4.14 -18.36
CA TYR A 104 0.15 2.93 -17.68
C TYR A 104 0.53 3.01 -16.19
N LEU A 105 -0.13 2.22 -15.35
CA LEU A 105 0.29 1.95 -13.99
C LEU A 105 1.01 0.59 -13.91
N ASP A 106 2.04 0.50 -13.05
CA ASP A 106 2.63 -0.86 -12.86
C ASP A 106 1.72 -1.80 -12.07
N LEU A 107 0.96 -1.19 -11.17
CA LEU A 107 0.04 -1.91 -10.28
C LEU A 107 -1.14 -1.03 -9.90
N TYR A 108 -2.33 -1.59 -10.08
CA TYR A 108 -3.55 -0.93 -9.65
C TYR A 108 -4.29 -1.88 -8.69
N LEU A 109 -4.62 -1.37 -7.51
CA LEU A 109 -5.22 -2.14 -6.42
C LEU A 109 -6.67 -1.73 -6.15
N ILE A 110 -7.50 -2.73 -5.82
CA ILE A 110 -8.79 -2.37 -5.19
C ILE A 110 -8.46 -1.87 -3.79
N HIS A 111 -8.75 -0.59 -3.51
CA HIS A 111 -8.20 0.02 -2.28
C HIS A 111 -8.75 -0.66 -1.03
N TRP A 112 -10.04 -1.00 -1.04
CA TRP A 112 -10.74 -1.69 0.03
C TRP A 112 -11.76 -2.66 -0.55
N PRO A 113 -12.09 -3.74 0.15
CA PRO A 113 -13.11 -4.65 -0.41
C PRO A 113 -14.52 -4.07 -0.41
N THR A 114 -14.74 -3.01 0.35
CA THR A 114 -16.04 -2.38 0.46
C THR A 114 -16.36 -1.39 -0.64
N GLY A 115 -17.42 -1.64 -1.38
CA GLY A 115 -17.88 -0.63 -2.33
C GLY A 115 -18.86 0.33 -1.71
N PHE A 116 -18.83 1.61 -2.07
CA PHE A 116 -19.72 2.66 -1.58
C PHE A 116 -20.52 3.27 -2.73
N LYS A 117 -21.64 3.91 -2.44
CA LYS A 117 -22.41 4.61 -3.45
C LYS A 117 -21.57 5.64 -4.17
N PRO A 118 -21.65 5.65 -5.50
CA PRO A 118 -20.91 6.58 -6.30
C PRO A 118 -21.46 7.99 -6.10
N GLY A 119 -20.59 8.97 -6.32
CA GLY A 119 -20.87 10.37 -6.18
C GLY A 119 -19.61 11.16 -5.86
N LYS A 120 -19.74 12.42 -5.51
CA LYS A 120 -18.58 13.28 -5.26
C LYS A 120 -17.92 12.99 -3.92
N GLU A 121 -18.74 12.58 -2.94
CA GLU A 121 -18.26 12.28 -1.61
C GLU A 121 -17.55 10.93 -1.55
N PHE A 122 -16.41 10.78 -0.92
CA PHE A 122 -15.55 9.64 -0.83
C PHE A 122 -16.13 8.69 0.22
N PHE A 123 -16.83 9.32 1.16
CA PHE A 123 -17.55 8.53 2.16
C PHE A 123 -19.00 9.05 2.18
N PRO A 124 -19.85 8.54 1.28
CA PRO A 124 -21.24 8.95 1.30
C PRO A 124 -21.91 8.44 2.57
N LEU A 125 -22.63 9.29 3.29
CA LEU A 125 -23.19 8.91 4.58
C LEU A 125 -24.71 9.01 4.55
N ASP A 126 -25.34 8.14 5.35
CA ASP A 126 -26.78 8.31 5.55
C ASP A 126 -26.98 9.28 6.71
N GLU A 127 -28.24 9.59 7.03
CA GLU A 127 -28.40 10.63 8.05
C GLU A 127 -27.91 10.17 9.40
N SER A 128 -27.63 8.89 9.66
CA SER A 128 -27.06 8.62 10.98
C SER A 128 -25.57 8.36 10.98
N GLY A 129 -24.84 8.64 9.91
CA GLY A 129 -23.40 8.47 9.86
C GLY A 129 -22.88 7.18 9.35
N ASN A 130 -23.78 6.29 8.85
CA ASN A 130 -23.26 5.04 8.33
C ASN A 130 -22.89 5.27 6.85
N VAL A 131 -21.83 4.60 6.40
CA VAL A 131 -21.44 4.72 5.02
C VAL A 131 -22.51 4.04 4.16
N VAL A 132 -22.87 4.64 3.04
CA VAL A 132 -23.88 4.03 2.18
C VAL A 132 -23.23 3.03 1.24
N PRO A 133 -23.53 1.73 1.32
CA PRO A 133 -22.85 0.81 0.41
C PRO A 133 -23.33 0.87 -1.04
N SER A 134 -22.51 0.26 -1.90
CA SER A 134 -22.77 -0.15 -3.25
C SER A 134 -23.19 -1.63 -3.27
N ASP A 135 -24.13 -2.03 -4.10
CA ASP A 135 -24.52 -3.43 -4.23
C ASP A 135 -23.59 -4.18 -5.20
N THR A 136 -22.63 -3.49 -5.79
CA THR A 136 -21.72 -4.21 -6.70
C THR A 136 -20.88 -5.20 -5.96
N ASN A 137 -20.74 -6.46 -6.44
CA ASN A 137 -19.80 -7.18 -5.57
C ASN A 137 -18.39 -7.25 -6.20
N ILE A 138 -17.54 -7.67 -5.30
CA ILE A 138 -16.10 -7.62 -5.44
C ILE A 138 -15.63 -8.52 -6.58
N LEU A 139 -16.34 -9.59 -6.89
CA LEU A 139 -15.97 -10.40 -8.05
C LEU A 139 -16.22 -9.64 -9.33
N ASP A 140 -17.29 -8.83 -9.40
CA ASP A 140 -17.54 -8.05 -10.62
C ASP A 140 -16.57 -6.89 -10.74
N THR A 141 -16.23 -6.31 -9.59
CA THR A 141 -15.14 -5.34 -9.54
C THR A 141 -13.83 -5.94 -10.03
N TRP A 142 -13.49 -7.14 -9.60
CA TRP A 142 -12.29 -7.83 -10.09
C TRP A 142 -12.31 -7.99 -11.59
N ALA A 143 -13.44 -8.37 -12.17
CA ALA A 143 -13.45 -8.57 -13.60
C ALA A 143 -13.19 -7.25 -14.30
N ALA A 144 -13.74 -6.20 -13.70
CA ALA A 144 -13.47 -4.88 -14.29
C ALA A 144 -11.98 -4.51 -14.21
N MET A 145 -11.33 -4.88 -13.10
CA MET A 145 -9.89 -4.73 -13.02
C MET A 145 -9.17 -5.56 -14.08
N GLU A 146 -9.63 -6.78 -14.36
CA GLU A 146 -8.99 -7.62 -15.38
C GLU A 146 -9.04 -6.92 -16.73
N GLU A 147 -10.14 -6.24 -16.99
CA GLU A 147 -10.23 -5.58 -18.30
C GLU A 147 -9.17 -4.49 -18.46
N LEU A 148 -8.75 -3.88 -17.35
CA LEU A 148 -7.75 -2.82 -17.48
C LEU A 148 -6.39 -3.38 -17.91
N VAL A 149 -6.09 -4.60 -17.48
CA VAL A 149 -4.85 -5.29 -17.94
C VAL A 149 -4.97 -5.49 -19.44
N ASP A 150 -6.12 -5.97 -19.86
CA ASP A 150 -6.30 -6.33 -21.27
C ASP A 150 -6.43 -5.12 -22.19
N GLU A 151 -6.55 -3.93 -21.66
CA GLU A 151 -6.65 -2.69 -22.41
C GLU A 151 -5.32 -1.93 -22.35
N GLY A 152 -4.37 -2.43 -21.57
CA GLY A 152 -3.08 -1.77 -21.58
C GLY A 152 -2.88 -0.67 -20.57
N LEU A 153 -3.89 -0.43 -19.75
CA LEU A 153 -3.78 0.70 -18.84
C LEU A 153 -2.96 0.36 -17.61
N VAL A 154 -2.91 -0.88 -17.23
CA VAL A 154 -2.16 -1.33 -16.07
C VAL A 154 -1.44 -2.65 -16.35
N LYS A 155 -0.23 -2.77 -15.78
CA LYS A 155 0.49 -4.02 -16.02
C LYS A 155 0.14 -5.11 -15.03
N ALA A 156 -0.33 -4.78 -13.84
CA ALA A 156 -0.69 -5.76 -12.82
C ALA A 156 -1.87 -5.23 -12.03
N ILE A 157 -2.65 -6.19 -11.51
CA ILE A 157 -3.76 -5.76 -10.65
C ILE A 157 -3.64 -6.51 -9.33
N GLY A 158 -4.23 -5.82 -8.35
CA GLY A 158 -4.20 -6.41 -7.02
C GLY A 158 -5.29 -5.89 -6.10
N ILE A 159 -5.08 -6.21 -4.80
CA ILE A 159 -6.11 -5.89 -3.80
C ILE A 159 -5.42 -5.33 -2.56
N SER A 160 -6.18 -4.71 -1.67
CA SER A 160 -5.65 -4.07 -0.48
C SER A 160 -6.69 -4.21 0.63
N ASN A 161 -6.26 -4.49 1.85
CA ASN A 161 -7.14 -4.66 2.99
C ASN A 161 -8.16 -5.76 2.81
N PHE A 162 -7.88 -6.80 2.05
CA PHE A 162 -8.65 -8.00 1.86
C PHE A 162 -8.21 -9.04 2.90
N ASN A 163 -9.21 -9.58 3.62
CA ASN A 163 -8.92 -10.63 4.60
C ASN A 163 -8.78 -11.96 3.90
N HIS A 164 -8.40 -13.04 4.59
CA HIS A 164 -8.06 -14.23 3.79
C HIS A 164 -9.30 -14.82 3.12
N LEU A 165 -10.50 -14.64 3.67
CA LEU A 165 -11.69 -15.20 3.01
C LEU A 165 -12.00 -14.40 1.73
N GLN A 166 -11.68 -13.12 1.77
CA GLN A 166 -11.91 -12.29 0.60
C GLN A 166 -10.85 -12.57 -0.45
N VAL A 167 -9.60 -12.76 -0.06
CA VAL A 167 -8.61 -13.22 -1.02
C VAL A 167 -9.06 -14.53 -1.68
N GLU A 168 -9.49 -15.44 -0.82
CA GLU A 168 -9.97 -16.73 -1.31
C GLU A 168 -11.15 -16.58 -2.28
N MET A 169 -12.06 -15.66 -1.98
CA MET A 169 -13.16 -15.40 -2.90
C MET A 169 -12.64 -15.02 -4.29
N ILE A 170 -11.64 -14.15 -4.38
CA ILE A 170 -11.11 -13.81 -5.70
C ILE A 170 -10.47 -15.02 -6.34
N LEU A 171 -9.67 -15.73 -5.56
CA LEU A 171 -8.94 -16.85 -6.11
C LEU A 171 -9.91 -17.92 -6.64
N ASN A 172 -11.10 -17.98 -6.07
CA ASN A 172 -12.08 -19.00 -6.46
C ASN A 172 -13.10 -18.44 -7.41
N LYS A 173 -12.96 -17.18 -7.84
CA LYS A 173 -13.88 -16.57 -8.76
C LYS A 173 -14.10 -17.43 -10.00
N PRO A 174 -15.34 -17.75 -10.37
CA PRO A 174 -15.56 -18.47 -11.62
C PRO A 174 -14.96 -17.73 -12.79
N GLY A 175 -14.14 -18.42 -13.60
CA GLY A 175 -13.66 -17.77 -14.80
C GLY A 175 -12.55 -16.76 -14.53
N LEU A 176 -11.94 -16.88 -13.37
CA LEU A 176 -10.85 -15.94 -13.08
C LEU A 176 -9.80 -15.90 -14.20
N LYS A 177 -9.45 -14.68 -14.62
CA LYS A 177 -8.48 -14.53 -15.70
C LYS A 177 -7.09 -14.15 -15.20
N TYR A 178 -6.98 -13.21 -14.26
CA TYR A 178 -5.68 -12.89 -13.63
C TYR A 178 -5.80 -12.96 -12.11
N LYS A 179 -4.90 -13.66 -11.44
CA LYS A 179 -4.86 -13.64 -10.00
C LYS A 179 -4.35 -12.27 -9.54
N PRO A 180 -4.76 -11.91 -8.33
CA PRO A 180 -4.17 -10.71 -7.74
C PRO A 180 -2.66 -10.89 -7.59
N ALA A 181 -1.93 -9.81 -7.93
CA ALA A 181 -0.49 -9.87 -7.75
C ALA A 181 0.06 -9.53 -6.38
N VAL A 182 -0.66 -8.64 -5.76
CA VAL A 182 -0.31 -8.08 -4.49
C VAL A 182 -1.57 -7.96 -3.63
N ASN A 183 -1.42 -8.17 -2.34
CA ASN A 183 -2.33 -7.74 -1.32
C ASN A 183 -1.61 -6.74 -0.40
N GLN A 184 -2.03 -5.47 -0.38
CA GLN A 184 -1.38 -4.48 0.44
C GLN A 184 -2.19 -4.30 1.72
N ILE A 185 -1.54 -4.53 2.86
CA ILE A 185 -2.19 -4.60 4.16
C ILE A 185 -1.30 -3.95 5.22
N GLU A 186 -1.92 -3.45 6.29
CA GLU A 186 -1.19 -2.87 7.38
C GLU A 186 -0.29 -3.95 8.00
N CYS A 187 0.97 -3.59 8.27
CA CYS A 187 1.81 -4.60 8.92
C CYS A 187 3.00 -3.94 9.62
N HIS A 188 3.21 -4.24 10.89
CA HIS A 188 4.32 -3.69 11.68
C HIS A 188 4.46 -4.52 12.96
N PRO A 189 5.43 -4.36 13.83
CA PRO A 189 5.54 -5.25 14.99
C PRO A 189 4.35 -5.35 15.92
N TYR A 190 3.45 -4.43 16.02
CA TYR A 190 2.19 -4.47 16.74
C TYR A 190 1.03 -5.10 15.97
N LEU A 191 1.15 -5.40 14.70
CA LEU A 191 0.18 -6.08 13.83
C LEU A 191 0.94 -6.88 12.81
N THR A 192 1.41 -8.05 13.27
CA THR A 192 2.39 -8.81 12.51
C THR A 192 1.77 -9.63 11.39
N GLN A 193 0.49 -9.92 11.44
CA GLN A 193 -0.22 -10.55 10.32
C GLN A 193 0.30 -11.90 9.85
N GLU A 194 0.82 -12.74 10.73
CA GLU A 194 1.45 -13.98 10.29
C GLU A 194 0.53 -14.89 9.49
N LYS A 195 -0.73 -14.98 9.93
CA LYS A 195 -1.67 -15.86 9.23
C LYS A 195 -1.99 -15.38 7.82
N LEU A 196 -2.32 -14.11 7.69
CA LEU A 196 -2.69 -13.59 6.37
C LEU A 196 -1.52 -13.61 5.44
N ILE A 197 -0.34 -13.26 6.00
CA ILE A 197 0.81 -13.25 5.12
C ILE A 197 1.15 -14.63 4.57
N GLN A 198 1.10 -15.60 5.48
CA GLN A 198 1.42 -16.96 5.05
C GLN A 198 0.47 -17.40 3.96
N TYR A 199 -0.80 -17.04 4.12
CA TYR A 199 -1.80 -17.52 3.15
C TYR A 199 -1.51 -16.92 1.78
N CYS A 200 -1.31 -15.58 1.81
CA CYS A 200 -1.07 -14.90 0.53
C CYS A 200 0.19 -15.46 -0.13
N GLN A 201 1.26 -15.58 0.65
CA GLN A 201 2.52 -16.04 0.08
C GLN A 201 2.37 -17.46 -0.47
N SER A 202 1.59 -18.28 0.22
CA SER A 202 1.41 -19.67 -0.22
C SER A 202 0.71 -19.71 -1.58
N LYS A 203 -0.02 -18.64 -1.88
CA LYS A 203 -0.75 -18.56 -3.15
C LYS A 203 0.01 -17.75 -4.20
N GLY A 204 1.22 -17.30 -3.97
CA GLY A 204 2.02 -16.56 -4.91
C GLY A 204 1.66 -15.09 -4.99
N ILE A 205 0.94 -14.62 -4.02
CA ILE A 205 0.48 -13.23 -3.92
C ILE A 205 1.49 -12.47 -3.03
N VAL A 206 2.12 -11.44 -3.57
CA VAL A 206 3.10 -10.69 -2.80
C VAL A 206 2.41 -9.74 -1.86
N VAL A 207 2.94 -9.62 -0.65
CA VAL A 207 2.31 -8.72 0.31
C VAL A 207 3.09 -7.43 0.48
N THR A 208 2.39 -6.31 0.47
CA THR A 208 2.98 -5.01 0.77
C THR A 208 2.52 -4.57 2.15
N ALA A 209 3.49 -4.25 2.98
CA ALA A 209 3.25 -3.71 4.32
C ALA A 209 3.11 -2.20 4.32
N TYR A 210 1.92 -1.74 4.69
CA TYR A 210 1.71 -0.31 4.87
C TYR A 210 1.77 0.12 6.34
N SER A 211 1.85 1.43 6.58
CA SER A 211 2.09 1.98 7.91
C SER A 211 3.20 1.28 8.66
N PRO A 212 4.35 1.03 8.06
CA PRO A 212 5.35 0.20 8.72
C PRO A 212 5.95 0.89 9.94
N LEU A 213 5.81 2.21 10.06
CA LEU A 213 6.33 2.99 11.18
C LEU A 213 5.26 3.25 12.22
N GLY A 214 4.06 2.71 11.96
CA GLY A 214 2.94 2.95 12.85
C GLY A 214 2.20 4.22 12.57
N SER A 215 2.42 4.87 11.42
CA SER A 215 1.63 6.04 11.00
C SER A 215 1.53 7.08 12.11
N PRO A 216 2.62 7.58 12.65
CA PRO A 216 2.51 8.55 13.74
C PRO A 216 1.79 9.82 13.31
N ASP A 217 1.63 10.14 12.03
CA ASP A 217 0.86 11.30 11.60
C ASP A 217 -0.60 11.00 11.28
N ARG A 218 -1.10 9.82 11.63
CA ARG A 218 -2.49 9.50 11.38
C ARG A 218 -3.36 10.52 12.12
N PRO A 219 -4.45 10.94 11.50
CA PRO A 219 -5.24 12.05 12.04
C PRO A 219 -5.89 11.69 13.37
N TRP A 220 -6.08 10.42 13.64
CA TRP A 220 -6.83 10.03 14.83
C TRP A 220 -5.93 9.52 15.94
N ALA A 221 -4.65 9.85 15.87
CA ALA A 221 -3.73 9.35 16.90
C ALA A 221 -4.15 9.88 18.26
N LYS A 222 -4.05 9.05 19.29
CA LYS A 222 -4.37 9.41 20.66
C LYS A 222 -3.14 9.17 21.52
N PRO A 223 -2.96 9.91 22.62
CA PRO A 223 -1.72 9.88 23.39
C PRO A 223 -1.44 8.52 24.02
N GLU A 224 -2.51 7.84 24.38
CA GLU A 224 -2.47 6.56 25.07
C GLU A 224 -2.06 5.42 24.13
N ASP A 225 -1.80 5.78 22.88
CA ASP A 225 -1.56 4.82 21.83
C ASP A 225 -0.12 4.31 21.88
N PRO A 226 0.05 3.05 21.49
CA PRO A 226 1.43 2.52 21.40
C PRO A 226 2.21 3.28 20.33
N SER A 227 3.54 3.30 20.48
CA SER A 227 4.34 4.05 19.53
C SER A 227 5.57 3.25 19.13
N LEU A 228 5.57 2.67 17.93
CA LEU A 228 6.74 1.91 17.51
C LEU A 228 8.04 2.67 17.56
N LEU A 229 7.99 3.90 17.05
CA LEU A 229 9.22 4.67 16.95
C LEU A 229 9.81 4.97 18.32
N GLU A 230 8.98 4.89 19.34
CA GLU A 230 9.47 5.19 20.68
C GLU A 230 9.62 3.95 21.54
N ASP A 231 9.40 2.78 21.01
CA ASP A 231 9.44 1.54 21.81
C ASP A 231 10.88 1.27 22.20
N PRO A 232 11.18 1.31 23.50
CA PRO A 232 12.58 1.12 23.88
C PRO A 232 13.16 -0.20 23.43
N ARG A 233 12.31 -1.19 23.24
CA ARG A 233 12.81 -2.49 22.85
C ARG A 233 13.25 -2.47 21.39
N ILE A 234 12.56 -1.68 20.56
CA ILE A 234 12.95 -1.57 19.15
C ILE A 234 14.16 -0.69 19.02
N LYS A 235 14.21 0.38 19.81
CA LYS A 235 15.36 1.26 19.87
C LYS A 235 16.63 0.48 20.20
N ALA A 236 16.48 -0.45 21.15
CA ALA A 236 17.65 -1.24 21.53
C ALA A 236 18.11 -2.10 20.38
N ILE A 237 17.18 -2.67 19.60
CA ILE A 237 17.66 -3.46 18.46
C ILE A 237 18.34 -2.57 17.43
N ALA A 238 17.79 -1.40 17.18
CA ALA A 238 18.42 -0.43 16.30
C ALA A 238 19.81 0.01 16.76
N ALA A 239 19.93 0.33 18.04
CA ALA A 239 21.23 0.75 18.58
C ALA A 239 22.24 -0.37 18.40
N LYS A 240 21.82 -1.62 18.57
CA LYS A 240 22.76 -2.74 18.43
C LYS A 240 23.37 -2.80 17.05
N HIS A 241 22.53 -2.42 16.06
CA HIS A 241 22.94 -2.50 14.66
C HIS A 241 23.45 -1.16 14.16
N ASN A 242 23.49 -0.14 15.02
CA ASN A 242 23.94 1.19 14.60
C ASN A 242 23.06 1.77 13.50
N LYS A 243 21.75 1.57 13.65
CA LYS A 243 20.78 2.09 12.68
C LYS A 243 19.72 2.83 13.47
N THR A 244 18.84 3.56 12.81
CA THR A 244 17.72 4.18 13.54
C THR A 244 16.58 3.16 13.65
N THR A 245 15.66 3.56 14.54
CA THR A 245 14.51 2.70 14.81
C THR A 245 13.71 2.54 13.52
N ALA A 246 13.57 3.65 12.79
CA ALA A 246 12.81 3.56 11.56
C ALA A 246 13.42 2.58 10.59
N GLN A 247 14.72 2.48 10.43
CA GLN A 247 15.51 1.66 9.56
C GLN A 247 15.24 0.22 9.97
N VAL A 248 15.17 -0.01 11.29
CA VAL A 248 14.82 -1.36 11.73
C VAL A 248 13.38 -1.72 11.35
N LEU A 249 12.44 -0.80 11.53
CA LEU A 249 11.03 -1.02 11.19
C LEU A 249 10.85 -1.25 9.70
N ILE A 250 11.73 -0.71 8.86
CA ILE A 250 11.65 -0.92 7.43
C ILE A 250 12.31 -2.22 7.03
N ARG A 251 13.44 -2.53 7.63
CA ARG A 251 14.16 -3.76 7.31
C ARG A 251 13.37 -4.99 7.75
N PHE A 252 12.61 -4.89 8.83
CA PHE A 252 11.84 -6.03 9.35
C PHE A 252 10.96 -6.68 8.29
N PRO A 253 10.05 -5.91 7.67
CA PRO A 253 9.22 -6.57 6.65
C PRO A 253 10.02 -7.02 5.43
N MET A 254 11.05 -6.28 5.05
CA MET A 254 11.87 -6.78 3.93
C MET A 254 12.36 -8.21 4.13
N GLN A 255 12.73 -8.56 5.36
CA GLN A 255 13.25 -9.91 5.59
C GLN A 255 12.13 -10.94 5.75
N ARG A 256 10.88 -10.51 5.64
CA ARG A 256 9.77 -11.46 5.67
C ARG A 256 9.29 -11.68 4.21
N ASN A 257 10.07 -11.19 3.28
CA ASN A 257 9.78 -11.20 1.86
C ASN A 257 8.56 -10.35 1.52
N LEU A 258 8.44 -9.24 2.26
CA LEU A 258 7.40 -8.28 1.97
C LEU A 258 7.96 -7.06 1.25
N VAL A 259 7.08 -6.35 0.55
CA VAL A 259 7.38 -5.02 0.08
C VAL A 259 6.99 -4.01 1.15
N VAL A 260 7.60 -2.85 1.29
CA VAL A 260 7.27 -1.92 2.36
C VAL A 260 7.35 -0.52 1.84
N ILE A 261 6.43 0.32 2.28
CA ILE A 261 6.23 1.67 1.72
C ILE A 261 6.14 2.79 2.72
N PRO A 262 7.22 3.05 3.43
CA PRO A 262 7.22 4.10 4.44
C PRO A 262 6.97 5.44 3.79
N LYS A 263 6.21 6.33 4.44
CA LYS A 263 5.96 7.68 3.95
C LYS A 263 6.82 8.69 4.67
N SER A 264 7.29 9.67 3.90
CA SER A 264 7.89 10.85 4.49
C SER A 264 7.83 11.98 3.45
N VAL A 265 7.73 13.19 3.98
CA VAL A 265 7.96 14.38 3.17
C VAL A 265 9.22 15.14 3.62
N THR A 266 9.96 14.53 4.53
CA THR A 266 11.19 15.13 5.06
C THR A 266 12.41 14.63 4.31
N PRO A 267 13.14 15.44 3.54
CA PRO A 267 14.24 14.93 2.70
C PRO A 267 15.21 14.07 3.46
N GLU A 268 15.61 14.44 4.69
CA GLU A 268 16.61 13.61 5.35
C GLU A 268 16.06 12.24 5.73
N ARG A 269 14.76 12.20 6.05
CA ARG A 269 14.14 10.94 6.43
C ARG A 269 13.85 10.10 5.17
N ILE A 270 13.53 10.74 4.05
CA ILE A 270 13.43 9.98 2.80
C ILE A 270 14.71 9.22 2.49
N ALA A 271 15.84 9.90 2.62
CA ALA A 271 17.15 9.31 2.42
C ALA A 271 17.48 8.24 3.44
N GLU A 272 17.22 8.58 4.70
CA GLU A 272 17.47 7.63 5.80
C GLU A 272 16.76 6.29 5.57
N ASN A 273 15.49 6.43 5.21
CA ASN A 273 14.61 5.28 5.09
C ASN A 273 15.04 4.40 3.93
N PHE A 274 15.83 4.91 2.98
CA PHE A 274 16.27 4.06 1.87
C PHE A 274 17.56 3.31 2.22
N LYS A 275 18.26 3.70 3.27
CA LYS A 275 19.53 3.12 3.64
C LYS A 275 19.38 1.94 4.57
N VAL A 276 18.75 0.93 4.02
CA VAL A 276 18.31 -0.28 4.66
C VAL A 276 18.76 -1.55 3.93
N PHE A 277 19.67 -1.42 2.95
CA PHE A 277 20.17 -2.57 2.22
C PHE A 277 21.58 -2.93 2.67
N ASP A 278 22.08 -2.29 3.72
CA ASP A 278 23.46 -2.53 4.17
C ASP A 278 23.59 -3.23 5.51
N PHE A 279 22.54 -3.85 6.00
CA PHE A 279 22.56 -4.51 7.30
C PHE A 279 21.46 -5.57 7.33
N GLU A 280 21.60 -6.51 8.25
CA GLU A 280 20.71 -7.64 8.43
C GLU A 280 20.33 -7.78 9.91
N LEU A 281 19.05 -7.98 10.14
CA LEU A 281 18.49 -8.48 11.39
C LEU A 281 18.67 -9.98 11.53
N SER A 282 19.08 -10.46 12.71
CA SER A 282 19.22 -11.88 12.90
C SER A 282 17.85 -12.50 13.00
N SER A 283 17.81 -13.81 12.92
CA SER A 283 16.56 -14.49 13.12
C SER A 283 15.98 -14.21 14.51
N GLN A 284 16.87 -14.10 15.47
CA GLN A 284 16.42 -13.87 16.83
C GLN A 284 15.78 -12.51 16.90
N ASP A 285 16.43 -11.53 16.24
CA ASP A 285 15.86 -10.19 16.17
C ASP A 285 14.46 -10.18 15.55
N MET A 286 14.35 -10.95 14.47
CA MET A 286 13.06 -11.03 13.76
C MET A 286 11.98 -11.64 14.63
N THR A 287 12.35 -12.76 15.31
CA THR A 287 11.37 -13.38 16.20
C THR A 287 11.01 -12.50 17.38
N THR A 288 12.00 -11.76 17.85
CA THR A 288 11.75 -10.80 18.92
C THR A 288 10.81 -9.71 18.45
N LEU A 289 11.00 -9.15 17.26
CA LEU A 289 10.10 -8.11 16.75
C LEU A 289 8.70 -8.67 16.52
N LEU A 290 8.62 -9.92 16.03
CA LEU A 290 7.32 -10.54 15.85
C LEU A 290 6.59 -10.71 17.19
N SER A 291 7.38 -10.85 18.27
CA SER A 291 6.76 -11.08 19.58
C SER A 291 5.99 -9.89 20.12
N TYR A 292 6.20 -8.72 19.56
CA TYR A 292 5.53 -7.50 20.01
C TYR A 292 4.14 -7.39 19.45
N ASN A 293 3.63 -8.35 18.69
CA ASN A 293 2.32 -8.35 18.11
C ASN A 293 1.25 -8.10 19.18
N ARG A 294 0.34 -7.18 18.90
CA ARG A 294 -0.79 -7.00 19.82
C ARG A 294 -2.09 -6.76 19.05
N ASN A 295 -2.15 -7.11 17.77
CA ASN A 295 -3.30 -6.91 16.91
C ASN A 295 -3.81 -5.47 16.95
N TRP A 296 -2.87 -4.51 16.94
CA TRP A 296 -3.22 -3.10 17.01
C TRP A 296 -3.24 -2.46 15.63
N ARG A 297 -4.35 -1.92 15.15
CA ARG A 297 -4.46 -1.35 13.83
C ARG A 297 -4.53 0.16 13.76
N VAL A 298 -3.73 0.81 12.96
CA VAL A 298 -3.83 2.20 12.58
C VAL A 298 -5.12 2.40 11.79
N CYS A 299 -5.36 1.52 10.81
CA CYS A 299 -6.40 1.76 9.86
C CYS A 299 -7.58 0.80 10.01
N ALA A 300 -8.55 1.33 10.71
CA ALA A 300 -9.87 0.77 11.00
C ALA A 300 -10.86 1.93 11.00
N LEU A 301 -12.13 1.68 10.70
CA LEU A 301 -13.05 2.80 10.60
C LEU A 301 -14.51 2.45 10.90
N LEU A 302 -14.99 3.01 11.98
CA LEU A 302 -16.30 2.72 12.55
C LEU A 302 -17.43 3.02 11.57
N SER A 303 -17.21 4.01 10.69
CA SER A 303 -18.31 4.34 9.80
C SER A 303 -18.53 3.18 8.84
N CYS A 304 -17.53 2.32 8.66
CA CYS A 304 -17.74 1.19 7.75
C CYS A 304 -17.88 -0.18 8.39
N THR A 305 -17.96 -0.30 9.72
CA THR A 305 -18.01 -1.59 10.39
C THR A 305 -19.31 -2.36 10.11
N SER A 306 -20.36 -1.74 9.63
CA SER A 306 -21.54 -2.53 9.29
C SER A 306 -21.63 -2.95 7.84
N HIS A 307 -20.69 -2.48 7.03
CA HIS A 307 -20.66 -2.87 5.61
C HIS A 307 -20.49 -4.36 5.47
N LYS A 308 -21.15 -5.06 4.55
CA LYS A 308 -21.12 -6.50 4.53
C LYS A 308 -19.76 -7.12 4.24
N ASP A 309 -18.89 -6.54 3.47
CA ASP A 309 -17.51 -6.74 3.17
C ASP A 309 -16.53 -6.00 4.07
N TYR A 310 -16.92 -5.42 5.20
CA TYR A 310 -15.92 -4.89 6.11
C TYR A 310 -14.90 -5.98 6.44
N PRO A 311 -13.59 -5.78 6.24
CA PRO A 311 -12.66 -6.92 6.33
C PRO A 311 -12.21 -7.32 7.72
N PHE A 312 -12.45 -6.53 8.78
CA PHE A 312 -11.71 -6.86 9.99
C PHE A 312 -12.54 -7.41 11.14
N HIS A 313 -13.66 -8.04 10.84
CA HIS A 313 -14.36 -8.88 11.80
C HIS A 313 -13.65 -10.25 11.87
N GLU A 314 -13.42 -10.80 10.69
CA GLU A 314 -12.73 -12.07 10.51
C GLU A 314 -11.39 -12.05 11.26
N GLU A 315 -11.04 -13.19 11.85
CA GLU A 315 -9.77 -13.34 12.55
C GLU A 315 -8.59 -12.95 11.68
N PHE A 316 -8.62 -13.34 10.42
CA PHE A 316 -7.70 -12.82 9.42
C PHE A 316 -8.33 -13.04 8.05
PA NAP B . 4.15 5.35 8.03
O1A NAP B . 4.11 4.28 9.02
O2A NAP B . 4.94 5.29 6.80
O5B NAP B . 4.60 6.64 8.92
C5B NAP B . 4.68 7.91 8.29
C4B NAP B . 5.04 8.89 9.48
O4B NAP B . 6.34 8.57 9.89
C3B NAP B . 5.07 10.36 8.99
O3B NAP B . 4.61 11.17 10.09
C2B NAP B . 6.56 10.62 8.73
O2B NAP B . 6.87 11.96 8.99
C1B NAP B . 7.17 9.71 9.78
N9A NAP B . 8.49 9.31 9.45
C8A NAP B . 8.94 8.85 8.21
N7A NAP B . 10.20 8.48 8.23
C5A NAP B . 10.60 8.71 9.52
C6A NAP B . 11.87 8.49 10.08
N6A NAP B . 12.94 8.01 9.46
N1A NAP B . 11.98 8.83 11.45
C2A NAP B . 10.90 9.34 12.19
N3A NAP B . 9.66 9.55 11.62
C4A NAP B . 9.55 9.22 10.26
O3 NAP B . 2.64 5.77 7.75
PN NAP B . 1.54 5.69 6.60
O1N NAP B . 1.56 6.92 5.76
O2N NAP B . 0.23 5.38 7.28
O5D NAP B . 1.87 4.38 5.75
C5D NAP B . 2.86 4.41 4.63
C4D NAP B . 2.13 4.44 3.31
O4D NAP B . 1.31 3.23 3.14
C3D NAP B . 1.09 5.58 3.10
O3D NAP B . 1.62 6.86 2.98
C2D NAP B . 0.30 5.00 1.91
O2D NAP B . 1.14 5.21 0.75
C1D NAP B . 0.21 3.52 2.24
N1N NAP B . -1.05 3.15 3.03
C2N NAP B . -1.98 2.40 2.33
C3N NAP B . -3.21 2.16 2.98
C7N NAP B . -4.29 1.34 2.29
O7N NAP B . -5.40 1.23 2.79
N7N NAP B . -3.84 0.61 1.28
C4N NAP B . -3.50 2.67 4.29
C5N NAP B . -2.52 3.42 4.98
C6N NAP B . -1.27 3.68 4.35
P2B NAP B . 7.25 13.05 7.82
O1X NAP B . 8.78 12.99 7.71
O2X NAP B . 6.47 12.68 6.61
O3X NAP B . 6.79 14.37 8.44
C2 62P C . -6.47 5.56 5.12
C3 62P C . -7.83 5.06 4.80
S8 62P C . -9.15 5.50 5.89
O19 62P C . -8.62 5.32 7.24
O18 62P C . -9.81 6.67 5.36
C9 62P C . -10.29 4.15 5.62
O13 62P C . -11.04 4.18 4.51
C12 62P C . -11.74 2.99 4.58
C17 62P C . -12.66 2.62 3.59
C16 62P C . -13.28 1.37 3.80
C15 62P C . -12.96 0.65 4.95
CL21 62P C . -13.75 -0.88 5.14
C14 62P C . -12.04 1.02 5.93
C11 62P C . -11.43 2.25 5.69
C10 62P C . -10.41 3.09 6.41
C20 62P C . -9.74 2.74 7.71
N4 62P C . -8.09 4.45 3.73
N5 62P C . -7.12 4.22 2.82
C6 62P C . -5.89 4.61 2.98
O7 62P C . -5.01 4.40 2.16
C1 62P C . -5.52 5.34 4.21
#